data_7HG4
#
_entry.id   7HG4
#
_cell.length_a   41.700
_cell.length_b   42.290
_cell.length_c   160.110
_cell.angle_alpha   90.00
_cell.angle_beta   90.00
_cell.angle_gamma   90.00
#
_symmetry.space_group_name_H-M   'P 21 21 21'
#
loop_
_entity.id
_entity.type
_entity.pdbx_description
1 polymer 'Hepatoma-derived growth factor-related protein 2'
2 non-polymer 'SULFATE ION'
3 non-polymer 1,2-ETHANEDIOL
4 non-polymer 1-(diphenylmethyl)azetidin-3-ol
5 water water
#
_entity_poly.entity_id   1
_entity_poly.type   'polypeptide(L)'
_entity_poly.pdbx_seq_one_letter_code
;GMPHAFKPGDLVFAKMKGYPHWPARIDDIADGAVKPPPNKYPIFFFGTHETAFLGPKDLFPYDKSKDKYGKPNKRKGFNE
GLWEIQNNPHASYS
;
_entity_poly.pdbx_strand_id   A,B,C
#
loop_
_chem_comp.id
_chem_comp.type
_chem_comp.name
_chem_comp.formula
EDO non-polymer 1,2-ETHANEDIOL 'C2 H6 O2'
SO4 non-polymer 'SULFATE ION' 'O4 S -2'
UXG non-polymer 1-(diphenylmethyl)azetidin-3-ol 'C16 H17 N O'
#
# COMPACT_ATOMS: atom_id res chain seq x y z
N MET A 2 -1.03 18.87 20.93
CA MET A 2 -0.85 17.64 21.73
C MET A 2 -1.28 16.43 20.91
N PRO A 3 -0.56 15.29 21.02
CA PRO A 3 -0.87 14.06 20.28
C PRO A 3 -2.24 13.44 20.53
N HIS A 4 -2.77 12.81 19.48
CA HIS A 4 -3.99 12.05 19.62
C HIS A 4 -3.56 10.58 19.64
N ALA A 5 -4.52 9.66 19.76
CA ALA A 5 -4.22 8.25 19.52
C ALA A 5 -3.91 8.04 18.03
N PHE A 6 -3.23 6.93 17.75
CA PHE A 6 -2.96 6.52 16.38
C PHE A 6 -4.28 6.31 15.62
N LYS A 7 -4.29 6.74 14.34
CA LYS A 7 -5.44 6.47 13.49
C LYS A 7 -4.95 5.98 12.13
N PRO A 8 -5.82 5.36 11.30
CA PRO A 8 -5.42 4.94 9.95
C PRO A 8 -4.92 6.14 9.16
N GLY A 9 -3.84 5.89 8.43
CA GLY A 9 -3.19 6.92 7.62
C GLY A 9 -1.99 7.52 8.32
N ASP A 10 -1.93 7.37 9.65
CA ASP A 10 -0.71 7.90 10.26
C ASP A 10 0.55 7.21 9.78
N LEU A 11 1.66 8.00 9.66
CA LEU A 11 2.94 7.50 9.13
C LEU A 11 3.89 7.31 10.32
N VAL A 12 4.59 6.18 10.29
CA VAL A 12 5.46 5.83 11.44
C VAL A 12 6.74 5.15 10.97
N PHE A 13 7.70 5.02 11.92
CA PHE A 13 8.62 3.91 11.84
C PHE A 13 8.13 2.87 12.86
N ALA A 14 8.06 1.60 12.43
CA ALA A 14 7.50 0.54 13.27
C ALA A 14 8.63 -0.44 13.60
N LYS A 15 8.72 -0.88 14.89
CA LYS A 15 9.82 -1.74 15.33
C LYS A 15 9.32 -3.17 15.51
N MET A 16 10.01 -4.11 14.85
CA MET A 16 9.85 -5.55 15.04
C MET A 16 11.19 -6.10 15.54
N LYS A 17 11.15 -7.19 16.30
CA LYS A 17 12.36 -7.86 16.78
C LYS A 17 13.23 -8.26 15.60
N GLY A 18 14.53 -7.92 15.68
CA GLY A 18 15.47 -8.38 14.66
C GLY A 18 15.48 -7.51 13.41
N TYR A 19 14.63 -6.47 13.39
CA TYR A 19 14.62 -5.61 12.23
C TYR A 19 14.88 -4.17 12.65
N PRO A 20 15.45 -3.33 11.76
CA PRO A 20 15.59 -1.91 12.05
C PRO A 20 14.20 -1.26 12.06
N HIS A 21 14.05 -0.17 12.81
CA HIS A 21 12.85 0.67 12.77
C HIS A 21 12.48 0.94 11.31
N TRP A 22 11.25 0.57 10.90
CA TRP A 22 10.94 0.35 9.49
C TRP A 22 9.87 1.36 9.05
N PRO A 23 9.99 2.04 7.87
CA PRO A 23 8.89 2.92 7.42
C PRO A 23 7.57 2.15 7.19
N ALA A 24 6.50 2.71 7.75
CA ALA A 24 5.22 2.01 7.75
C ALA A 24 4.07 2.98 7.93
N ARG A 25 2.84 2.48 7.76
CA ARG A 25 1.66 3.28 8.04
C ARG A 25 0.65 2.48 8.86
N ILE A 26 -0.20 3.19 9.64
CA ILE A 26 -1.38 2.53 10.23
C ILE A 26 -2.38 2.31 9.11
N ASP A 27 -2.77 1.06 8.89
CA ASP A 27 -3.76 0.76 7.85
C ASP A 27 -5.19 0.84 8.38
N ASP A 28 -6.15 0.96 7.43
CA ASP A 28 -7.54 0.70 7.76
C ASP A 28 -7.75 -0.82 7.78
N ILE A 29 -8.86 -1.24 8.36
CA ILE A 29 -9.29 -2.63 8.18
C ILE A 29 -10.47 -2.55 7.22
N ALA A 30 -10.37 -3.27 6.10
CA ALA A 30 -11.43 -3.35 5.10
C ALA A 30 -12.66 -4.02 5.72
N ASP A 31 -13.86 -3.62 5.25
CA ASP A 31 -15.03 -4.44 5.58
C ASP A 31 -14.74 -5.91 5.22
N GLY A 32 -15.13 -6.83 6.12
CA GLY A 32 -15.04 -8.26 5.93
C GLY A 32 -13.67 -8.85 6.19
N ALA A 33 -12.72 -7.98 6.57
CA ALA A 33 -11.35 -8.43 6.75
C ALA A 33 -11.06 -8.76 8.22
N VAL A 34 -10.03 -9.61 8.40
CA VAL A 34 -9.61 -10.03 9.74
C VAL A 34 -9.17 -8.82 10.56
N LYS A 35 -9.74 -8.69 11.77
CA LYS A 35 -9.46 -7.58 12.69
C LYS A 35 -8.21 -7.89 13.51
N PRO A 36 -7.46 -6.86 13.98
CA PRO A 36 -6.26 -7.10 14.76
C PRO A 36 -6.69 -7.56 16.15
N PRO A 37 -5.77 -8.13 16.94
CA PRO A 37 -6.04 -8.36 18.36
C PRO A 37 -6.39 -7.05 19.08
N PRO A 38 -7.13 -7.08 20.21
CA PRO A 38 -7.29 -5.87 21.04
C PRO A 38 -5.95 -5.18 21.35
N ASN A 39 -6.03 -3.84 21.36
CA ASN A 39 -4.98 -2.88 21.62
C ASN A 39 -3.86 -2.93 20.57
N LYS A 40 -4.06 -3.67 19.47
CA LYS A 40 -3.05 -3.66 18.40
C LYS A 40 -3.63 -2.97 17.15
N TYR A 41 -2.70 -2.46 16.32
CA TYR A 41 -3.05 -1.76 15.10
C TYR A 41 -2.52 -2.57 13.92
N PRO A 42 -3.17 -2.52 12.74
CA PRO A 42 -2.62 -3.18 11.56
C PRO A 42 -1.57 -2.25 10.95
N ILE A 43 -0.32 -2.73 10.92
CA ILE A 43 0.77 -1.91 10.39
C ILE A 43 1.14 -2.43 9.00
N PHE A 44 1.12 -1.52 8.01
CA PHE A 44 1.58 -1.88 6.69
C PHE A 44 3.01 -1.37 6.52
N PHE A 45 3.92 -2.27 6.18
CA PHE A 45 5.34 -1.95 6.08
C PHE A 45 5.65 -1.58 4.63
N PHE A 46 6.13 -0.34 4.44
CA PHE A 46 6.51 0.05 3.09
C PHE A 46 7.67 -0.83 2.58
N GLY A 47 7.73 -0.95 1.25
CA GLY A 47 8.86 -1.64 0.62
C GLY A 47 8.58 -3.15 0.61
N THR A 48 8.44 -3.77 1.79
CA THR A 48 8.10 -5.20 1.83
C THR A 48 6.61 -5.42 1.51
N HIS A 49 5.79 -4.42 1.84
CA HIS A 49 4.35 -4.51 1.67
C HIS A 49 3.77 -5.61 2.56
N GLU A 50 4.42 -5.88 3.68
CA GLU A 50 3.87 -6.87 4.62
C GLU A 50 3.04 -6.18 5.72
N THR A 51 2.17 -6.95 6.39
CA THR A 51 1.33 -6.42 7.44
C THR A 51 1.63 -7.22 8.70
N ALA A 52 1.83 -6.52 9.82
CA ALA A 52 1.89 -7.12 11.13
C ALA A 52 1.06 -6.30 12.12
N PHE A 53 0.72 -6.89 13.29
CA PHE A 53 -0.08 -6.21 14.28
C PHE A 53 0.83 -5.76 15.42
N LEU A 54 0.80 -4.45 15.70
CA LEU A 54 1.72 -3.91 16.69
C LEU A 54 0.96 -2.96 17.61
N GLY A 55 1.49 -2.81 18.84
CA GLY A 55 0.96 -1.79 19.71
C GLY A 55 1.85 -0.52 19.71
N PRO A 56 1.36 0.54 20.35
CA PRO A 56 2.02 1.86 20.34
C PRO A 56 3.46 1.90 20.85
N LYS A 57 3.83 0.93 21.70
CA LYS A 57 5.22 0.92 22.12
C LYS A 57 6.25 0.70 20.99
N ASP A 58 5.81 0.16 19.83
CA ASP A 58 6.66 -0.13 18.72
C ASP A 58 6.40 0.86 17.58
N LEU A 59 5.59 1.91 17.81
CA LEU A 59 5.26 2.88 16.75
C LEU A 59 5.85 4.26 17.07
N PHE A 60 6.68 4.74 16.14
CA PHE A 60 7.36 6.03 16.31
C PHE A 60 6.90 6.98 15.22
N PRO A 61 6.22 8.09 15.56
CA PRO A 61 5.75 9.02 14.51
C PRO A 61 6.85 9.43 13.54
N TYR A 62 6.50 9.42 12.23
CA TYR A 62 7.51 9.48 11.20
C TYR A 62 8.19 10.87 11.19
N ASP A 63 7.43 11.94 11.41
CA ASP A 63 8.02 13.25 11.26
C ASP A 63 9.13 13.47 12.29
N LYS A 64 8.81 13.17 13.55
CA LYS A 64 9.74 13.26 14.68
C LYS A 64 10.96 12.36 14.50
N SER A 65 10.81 11.19 13.87
CA SER A 65 11.79 10.11 13.95
C SER A 65 12.66 9.97 12.69
N LYS A 66 12.31 10.67 11.59
CA LYS A 66 12.91 10.37 10.31
C LYS A 66 14.40 10.72 10.28
N ASP A 67 14.78 11.70 11.09
N ASP A 67 14.78 11.72 11.06
CA ASP A 67 16.17 12.14 11.17
CA ASP A 67 16.19 12.09 11.12
C ASP A 67 17.05 11.01 11.67
C ASP A 67 16.99 10.87 11.54
N LYS A 68 16.52 10.19 12.59
CA LYS A 68 17.24 9.08 13.17
C LYS A 68 17.07 7.82 12.35
N TYR A 69 15.84 7.53 11.88
CA TYR A 69 15.58 6.19 11.35
C TYR A 69 15.47 6.14 9.83
N GLY A 70 15.45 7.32 9.19
CA GLY A 70 15.21 7.45 7.77
C GLY A 70 16.49 7.47 6.94
N LYS A 71 17.41 6.57 7.22
CA LYS A 71 18.62 6.47 6.41
C LYS A 71 18.63 5.13 5.68
N PRO A 72 19.26 5.03 4.48
CA PRO A 72 19.29 3.75 3.77
C PRO A 72 19.84 2.60 4.59
N ASN A 73 19.36 1.38 4.33
CA ASN A 73 19.65 0.20 5.10
C ASN A 73 19.77 -0.95 4.12
N LYS A 74 20.64 -1.91 4.43
CA LYS A 74 20.95 -3.01 3.54
C LYS A 74 19.76 -3.95 3.40
N ARG A 75 18.81 -3.89 4.33
CA ARG A 75 17.81 -4.93 4.43
C ARG A 75 16.81 -4.88 3.28
N LYS A 76 16.33 -6.07 2.90
CA LYS A 76 15.51 -6.22 1.70
C LYS A 76 14.23 -5.37 1.84
N GLY A 77 14.01 -4.50 0.86
CA GLY A 77 12.77 -3.72 0.78
C GLY A 77 12.88 -2.36 1.48
N PHE A 78 13.91 -2.15 2.31
CA PHE A 78 13.99 -0.96 3.12
C PHE A 78 14.07 0.33 2.29
N ASN A 79 14.94 0.37 1.27
CA ASN A 79 15.13 1.63 0.56
C ASN A 79 13.92 1.93 -0.33
N GLU A 80 13.29 0.88 -0.86
CA GLU A 80 12.03 1.07 -1.57
C GLU A 80 11.03 1.67 -0.57
N GLY A 81 11.02 1.11 0.64
CA GLY A 81 10.10 1.65 1.64
C GLY A 81 10.32 3.13 1.96
N LEU A 82 11.61 3.56 2.04
CA LEU A 82 11.87 4.95 2.29
C LEU A 82 11.28 5.82 1.17
N TRP A 83 11.31 5.30 -0.07
CA TRP A 83 10.81 6.08 -1.18
C TRP A 83 9.30 6.20 -1.01
N GLU A 84 8.65 5.07 -0.67
CA GLU A 84 7.21 5.05 -0.61
C GLU A 84 6.70 6.03 0.45
N ILE A 85 7.26 5.95 1.66
CA ILE A 85 6.74 6.78 2.74
C ILE A 85 6.94 8.28 2.45
N GLN A 86 8.02 8.63 1.71
CA GLN A 86 8.28 10.04 1.38
C GLN A 86 7.43 10.53 0.20
N ASN A 87 7.19 9.66 -0.78
CA ASN A 87 6.70 10.07 -2.08
C ASN A 87 5.23 9.73 -2.34
N ASN A 88 4.73 8.59 -1.84
CA ASN A 88 3.33 8.26 -2.03
C ASN A 88 2.87 7.35 -0.89
N PRO A 89 2.85 7.89 0.34
CA PRO A 89 2.58 7.06 1.52
C PRO A 89 1.14 6.56 1.61
N HIS A 90 0.22 7.13 0.82
CA HIS A 90 -1.18 6.78 0.99
C HIS A 90 -1.73 6.05 -0.24
N ALA A 91 -0.84 5.53 -1.07
CA ALA A 91 -1.27 4.84 -2.29
C ALA A 91 -1.68 3.41 -1.98
N SER A 92 -2.45 2.82 -2.92
CA SER A 92 -2.64 1.38 -2.88
C SER A 92 -1.39 0.65 -3.38
N TYR A 93 -0.86 -0.27 -2.54
CA TYR A 93 0.29 -1.10 -2.83
C TYR A 93 -0.12 -2.57 -2.94
N SER A 94 -1.43 -2.85 -2.99
CA SER A 94 -1.96 -4.17 -3.27
C SER A 94 -1.64 -4.56 -4.72
N MET B 2 -42.39 -11.52 -11.65
CA MET B 2 -42.68 -12.97 -11.48
C MET B 2 -42.06 -13.43 -10.16
N PRO B 3 -42.82 -14.08 -9.25
CA PRO B 3 -42.25 -14.68 -8.04
C PRO B 3 -41.11 -15.61 -8.47
N HIS B 4 -39.98 -15.57 -7.74
CA HIS B 4 -38.85 -16.46 -7.99
C HIS B 4 -38.62 -17.34 -6.76
N ALA B 5 -37.61 -18.22 -6.82
CA ALA B 5 -37.37 -19.12 -5.70
C ALA B 5 -37.12 -18.30 -4.43
N PHE B 6 -36.38 -17.21 -4.62
CA PHE B 6 -36.12 -16.24 -3.57
C PHE B 6 -36.92 -14.97 -3.88
N LYS B 7 -37.51 -14.44 -2.80
CA LYS B 7 -38.29 -13.22 -2.91
C LYS B 7 -37.63 -12.14 -2.04
N PRO B 8 -37.84 -10.85 -2.39
CA PRO B 8 -37.36 -9.72 -1.58
C PRO B 8 -37.76 -9.90 -0.12
N GLY B 9 -36.78 -9.71 0.76
CA GLY B 9 -37.00 -9.83 2.19
C GLY B 9 -36.58 -11.18 2.75
N ASP B 10 -36.39 -12.20 1.85
CA ASP B 10 -35.90 -13.48 2.36
C ASP B 10 -34.48 -13.31 2.94
N LEU B 11 -34.28 -13.97 4.06
CA LEU B 11 -32.99 -13.90 4.80
C LEU B 11 -32.15 -15.11 4.41
N VAL B 12 -30.80 -14.90 4.29
CA VAL B 12 -29.88 -15.92 3.79
C VAL B 12 -28.54 -15.70 4.47
N PHE B 13 -27.65 -16.71 4.32
CA PHE B 13 -26.22 -16.38 4.29
C PHE B 13 -25.76 -16.38 2.85
N ALA B 14 -24.92 -15.38 2.47
CA ALA B 14 -24.45 -15.27 1.11
C ALA B 14 -22.94 -15.51 1.07
N LYS B 15 -22.51 -16.27 0.06
CA LYS B 15 -21.10 -16.68 -0.02
C LYS B 15 -20.39 -15.91 -1.13
N MET B 16 -19.28 -15.28 -0.71
CA MET B 16 -18.35 -14.61 -1.61
C MET B 16 -16.95 -15.22 -1.45
N LYS B 17 -16.22 -15.33 -2.55
CA LYS B 17 -14.87 -15.89 -2.47
C LYS B 17 -14.03 -15.03 -1.53
N GLY B 18 -13.29 -15.68 -0.63
CA GLY B 18 -12.44 -15.00 0.34
C GLY B 18 -13.15 -14.69 1.66
N TYR B 19 -14.47 -14.95 1.75
CA TYR B 19 -15.18 -14.54 2.96
C TYR B 19 -16.05 -15.68 3.48
N PRO B 20 -16.36 -15.73 4.79
CA PRO B 20 -17.23 -16.78 5.31
C PRO B 20 -18.66 -16.47 4.84
N HIS B 21 -19.50 -17.52 4.79
CA HIS B 21 -20.93 -17.28 4.52
C HIS B 21 -21.47 -16.14 5.39
N TRP B 22 -22.19 -15.17 4.77
CA TRP B 22 -22.32 -13.88 5.43
C TRP B 22 -23.80 -13.55 5.61
N PRO B 23 -24.28 -13.11 6.80
CA PRO B 23 -25.72 -12.86 7.00
C PRO B 23 -26.16 -11.76 6.03
N ALA B 24 -27.26 -12.00 5.32
CA ALA B 24 -27.65 -11.11 4.22
C ALA B 24 -29.14 -11.29 3.93
N ARG B 25 -29.65 -10.37 3.10
CA ARG B 25 -31.04 -10.41 2.68
C ARG B 25 -31.15 -10.25 1.17
N ILE B 26 -32.23 -10.79 0.59
CA ILE B 26 -32.55 -10.45 -0.79
C ILE B 26 -33.24 -9.09 -0.78
N ASP B 27 -32.77 -8.20 -1.67
CA ASP B 27 -33.33 -6.86 -1.79
C ASP B 27 -34.34 -6.75 -2.94
N ASP B 28 -35.04 -5.60 -2.99
N ASP B 28 -35.08 -5.63 -3.00
CA ASP B 28 -35.91 -5.22 -4.09
CA ASP B 28 -35.93 -5.33 -4.14
C ASP B 28 -35.04 -4.69 -5.25
C ASP B 28 -35.12 -4.48 -5.12
N ILE B 29 -35.68 -4.16 -6.29
CA ILE B 29 -34.92 -3.51 -7.35
C ILE B 29 -34.99 -1.97 -7.18
N PRO B 36 -30.32 -6.97 -11.94
CA PRO B 36 -29.30 -7.99 -11.73
C PRO B 36 -28.88 -8.53 -13.10
N PRO B 37 -27.70 -9.16 -13.27
CA PRO B 37 -27.48 -9.99 -14.45
C PRO B 37 -28.52 -11.11 -14.38
N PRO B 38 -28.84 -11.81 -15.50
CA PRO B 38 -29.78 -12.95 -15.44
C PRO B 38 -29.44 -14.00 -14.38
N ASN B 39 -30.48 -14.59 -13.77
CA ASN B 39 -30.32 -15.68 -12.80
C ASN B 39 -29.77 -15.21 -11.45
N LYS B 40 -29.54 -13.90 -11.26
CA LYS B 40 -28.88 -13.40 -10.05
C LYS B 40 -29.85 -12.51 -9.30
N TYR B 41 -29.57 -12.29 -8.01
CA TYR B 41 -30.43 -11.56 -7.10
C TYR B 41 -29.66 -10.38 -6.51
N PRO B 42 -30.32 -9.25 -6.17
CA PRO B 42 -29.65 -8.20 -5.40
C PRO B 42 -29.55 -8.63 -3.93
N ILE B 43 -28.30 -8.64 -3.43
CA ILE B 43 -28.02 -9.00 -2.04
C ILE B 43 -27.57 -7.77 -1.26
N PHE B 44 -28.08 -7.63 -0.06
CA PHE B 44 -27.57 -6.68 0.92
C PHE B 44 -26.93 -7.50 2.04
N PHE B 45 -25.66 -7.20 2.36
CA PHE B 45 -24.92 -7.83 3.41
C PHE B 45 -25.07 -7.04 4.69
N PHE B 46 -25.61 -7.71 5.72
CA PHE B 46 -25.78 -7.08 7.01
C PHE B 46 -24.39 -6.74 7.58
N GLY B 47 -24.33 -5.71 8.43
CA GLY B 47 -23.06 -5.36 9.08
C GLY B 47 -22.24 -4.42 8.21
N THR B 48 -21.85 -4.85 7.01
CA THR B 48 -21.03 -4.04 6.11
C THR B 48 -21.92 -3.11 5.33
N HIS B 49 -23.19 -3.51 5.20
CA HIS B 49 -24.17 -2.78 4.43
C HIS B 49 -23.74 -2.66 2.98
N GLU B 50 -22.89 -3.57 2.49
CA GLU B 50 -22.56 -3.58 1.07
C GLU B 50 -23.62 -4.38 0.29
N THR B 51 -23.48 -4.31 -1.04
CA THR B 51 -24.41 -4.96 -1.95
C THR B 51 -23.63 -5.67 -3.06
N ALA B 52 -24.26 -6.72 -3.61
CA ALA B 52 -23.71 -7.44 -4.74
C ALA B 52 -24.83 -8.19 -5.44
N PHE B 53 -24.53 -8.73 -6.63
CA PHE B 53 -25.41 -9.67 -7.29
C PHE B 53 -24.86 -11.09 -7.15
N LEU B 54 -25.70 -12.01 -6.68
CA LEU B 54 -25.30 -13.39 -6.48
C LEU B 54 -26.39 -14.28 -7.09
N GLY B 55 -25.94 -15.46 -7.57
CA GLY B 55 -26.80 -16.52 -8.05
C GLY B 55 -27.16 -17.48 -6.92
N PRO B 56 -28.20 -18.33 -7.10
CA PRO B 56 -28.55 -19.28 -6.06
C PRO B 56 -27.50 -20.21 -5.47
N LYS B 57 -26.46 -20.58 -6.24
CA LYS B 57 -25.45 -21.50 -5.71
C LYS B 57 -24.79 -20.90 -4.47
N ASP B 58 -24.89 -19.57 -4.34
CA ASP B 58 -24.15 -18.84 -3.31
C ASP B 58 -25.10 -18.35 -2.23
N LEU B 59 -26.37 -18.79 -2.26
CA LEU B 59 -27.39 -18.27 -1.35
C LEU B 59 -27.97 -19.40 -0.52
N PHE B 60 -27.86 -19.26 0.80
CA PHE B 60 -28.24 -20.32 1.73
C PHE B 60 -29.36 -19.83 2.66
N PRO B 61 -30.60 -20.37 2.58
CA PRO B 61 -31.67 -19.88 3.46
C PRO B 61 -31.29 -19.82 4.95
N TYR B 62 -31.65 -18.70 5.60
CA TYR B 62 -31.14 -18.38 6.92
C TYR B 62 -31.59 -19.40 7.94
N ASP B 63 -32.90 -19.75 7.92
CA ASP B 63 -33.48 -20.68 8.88
C ASP B 63 -32.75 -22.02 8.85
N LYS B 64 -32.71 -22.63 7.68
CA LYS B 64 -32.00 -23.88 7.48
C LYS B 64 -30.54 -23.80 7.93
N SER B 65 -29.88 -22.65 7.72
CA SER B 65 -28.41 -22.68 7.80
C SER B 65 -27.80 -21.91 8.99
N LYS B 66 -28.64 -21.35 9.88
CA LYS B 66 -28.10 -20.43 10.88
C LYS B 66 -27.20 -21.12 11.92
N ASP B 67 -27.50 -22.35 12.31
CA ASP B 67 -26.70 -22.93 13.39
C ASP B 67 -25.30 -23.29 12.89
N LYS B 68 -25.21 -23.60 11.59
CA LYS B 68 -23.97 -23.89 10.89
C LYS B 68 -23.17 -22.62 10.61
N TYR B 69 -23.81 -21.58 10.04
CA TYR B 69 -23.06 -20.44 9.54
C TYR B 69 -23.15 -19.25 10.48
N GLY B 70 -24.05 -19.29 11.49
CA GLY B 70 -24.37 -18.10 12.25
C GLY B 70 -23.54 -17.94 13.54
N LYS B 71 -22.25 -18.30 13.49
CA LYS B 71 -21.42 -18.24 14.68
C LYS B 71 -20.56 -16.99 14.56
N PRO B 72 -20.31 -16.26 15.67
CA PRO B 72 -19.40 -15.12 15.60
C PRO B 72 -18.02 -15.52 15.08
N ASN B 73 -17.39 -14.58 14.37
CA ASN B 73 -16.00 -14.68 13.98
C ASN B 73 -15.34 -13.31 14.13
N LYS B 74 -14.10 -13.20 13.62
CA LYS B 74 -13.28 -11.99 13.77
C LYS B 74 -13.25 -11.14 12.50
N ARG B 75 -14.15 -11.38 11.54
CA ARG B 75 -14.20 -10.51 10.37
C ARG B 75 -14.95 -9.22 10.73
N LYS B 76 -14.39 -8.07 10.33
CA LYS B 76 -14.99 -6.77 10.56
C LYS B 76 -16.40 -6.68 9.94
N GLY B 77 -17.37 -6.40 10.85
CA GLY B 77 -18.77 -6.21 10.41
C GLY B 77 -19.61 -7.47 10.58
N PHE B 78 -18.95 -8.63 10.77
CA PHE B 78 -19.68 -9.90 10.87
C PHE B 78 -20.59 -9.95 12.09
N ASN B 79 -20.08 -9.67 13.28
CA ASN B 79 -20.95 -9.79 14.45
C ASN B 79 -22.03 -8.70 14.40
N GLU B 80 -21.75 -7.54 13.81
CA GLU B 80 -22.80 -6.53 13.71
C GLU B 80 -23.89 -7.07 12.78
N GLY B 81 -23.45 -7.76 11.71
CA GLY B 81 -24.35 -8.38 10.72
C GLY B 81 -25.23 -9.45 11.35
N LEU B 82 -24.67 -10.24 12.25
CA LEU B 82 -25.44 -11.23 13.01
C LEU B 82 -26.53 -10.52 13.81
N TRP B 83 -26.18 -9.36 14.39
CA TRP B 83 -27.08 -8.58 15.22
C TRP B 83 -28.28 -8.14 14.39
N GLU B 84 -27.98 -7.58 13.21
CA GLU B 84 -28.96 -7.00 12.31
C GLU B 84 -29.92 -8.08 11.81
N ILE B 85 -29.40 -9.24 11.42
CA ILE B 85 -30.26 -10.24 10.77
C ILE B 85 -31.24 -10.80 11.81
N GLN B 86 -30.80 -10.82 13.06
CA GLN B 86 -31.55 -11.30 14.22
C GLN B 86 -32.62 -10.29 14.64
N ASN B 87 -32.25 -9.00 14.71
CA ASN B 87 -33.07 -8.06 15.47
C ASN B 87 -33.81 -7.05 14.59
N ASN B 88 -33.28 -6.73 13.41
CA ASN B 88 -33.95 -5.80 12.50
C ASN B 88 -33.57 -6.06 11.05
N PRO B 89 -33.90 -7.29 10.55
CA PRO B 89 -33.51 -7.65 9.20
C PRO B 89 -34.09 -6.80 8.07
N HIS B 90 -35.24 -6.14 8.32
CA HIS B 90 -35.95 -5.47 7.25
C HIS B 90 -35.80 -3.94 7.30
N ALA B 91 -34.92 -3.44 8.20
CA ALA B 91 -34.75 -2.00 8.33
C ALA B 91 -34.09 -1.37 7.11
N SER B 92 -34.28 -0.03 6.97
CA SER B 92 -33.47 0.75 6.05
C SER B 92 -32.11 0.99 6.69
N TYR B 93 -31.06 0.67 5.93
CA TYR B 93 -29.68 0.83 6.37
C TYR B 93 -29.03 1.93 5.54
N SER B 94 -29.86 2.66 4.76
CA SER B 94 -29.48 3.86 4.03
C SER B 94 -28.57 4.74 4.92
N HIS C 4 19.49 20.75 -23.50
CA HIS C 4 19.57 21.82 -22.45
C HIS C 4 21.03 22.21 -22.28
N ALA C 5 21.50 22.19 -21.03
CA ALA C 5 22.89 22.44 -20.68
C ALA C 5 23.16 21.99 -19.26
N PHE C 6 24.32 21.37 -19.06
CA PHE C 6 24.64 20.78 -17.78
C PHE C 6 25.97 21.35 -17.32
N LYS C 7 26.04 21.74 -16.03
CA LYS C 7 27.29 22.15 -15.41
C LYS C 7 27.53 21.16 -14.27
N PRO C 8 28.73 21.05 -13.66
CA PRO C 8 28.91 20.11 -12.56
C PRO C 8 27.84 20.39 -11.50
N GLY C 9 27.43 19.34 -10.78
CA GLY C 9 26.48 19.47 -9.68
C GLY C 9 25.02 19.30 -10.11
N ASP C 10 24.69 19.47 -11.40
CA ASP C 10 23.33 19.29 -11.89
C ASP C 10 22.85 17.86 -11.66
N LEU C 11 21.58 17.73 -11.22
CA LEU C 11 20.99 16.43 -10.93
C LEU C 11 20.21 15.94 -12.14
N VAL C 12 20.35 14.63 -12.47
CA VAL C 12 19.80 14.11 -13.70
C VAL C 12 19.29 12.67 -13.46
N PHE C 13 18.51 12.18 -14.45
CA PHE C 13 18.44 10.76 -14.78
C PHE C 13 19.31 10.50 -16.01
N ALA C 14 20.14 9.45 -15.92
CA ALA C 14 21.17 9.14 -16.91
C ALA C 14 20.87 7.75 -17.49
N LYS C 15 20.84 7.66 -18.81
CA LYS C 15 20.43 6.41 -19.45
C LYS C 15 21.60 5.75 -20.15
N MET C 16 21.94 4.52 -19.72
CA MET C 16 22.91 3.68 -20.41
C MET C 16 22.18 2.48 -21.00
N LYS C 17 22.71 1.94 -22.09
CA LYS C 17 22.14 0.71 -22.63
C LYS C 17 22.25 -0.39 -21.56
N GLY C 18 21.11 -1.06 -21.34
CA GLY C 18 21.14 -2.23 -20.47
C GLY C 18 20.66 -1.88 -19.07
N TYR C 19 20.34 -0.61 -18.81
CA TYR C 19 19.94 -0.14 -17.48
C TYR C 19 18.78 0.84 -17.57
N PRO C 20 17.92 0.91 -16.53
CA PRO C 20 16.85 1.89 -16.48
C PRO C 20 17.44 3.29 -16.30
N HIS C 21 16.64 4.28 -16.68
CA HIS C 21 17.06 5.67 -16.43
C HIS C 21 17.45 5.79 -14.96
N TRP C 22 18.65 6.33 -14.66
CA TRP C 22 19.21 6.10 -13.33
C TRP C 22 19.47 7.44 -12.64
N PRO C 23 19.16 7.61 -11.33
CA PRO C 23 19.52 8.86 -10.65
C PRO C 23 21.01 9.14 -10.58
N ALA C 24 21.39 10.36 -11.01
CA ALA C 24 22.78 10.69 -11.29
C ALA C 24 23.01 12.19 -11.09
N ARG C 25 24.29 12.58 -11.04
CA ARG C 25 24.64 13.98 -11.22
C ARG C 25 25.79 14.16 -12.22
N ILE C 26 25.92 15.39 -12.72
CA ILE C 26 27.08 15.84 -13.50
C ILE C 26 28.23 16.12 -12.53
N ASP C 27 29.37 15.48 -12.75
CA ASP C 27 30.59 15.74 -12.01
C ASP C 27 31.44 16.79 -12.71
N ASP C 28 32.47 17.27 -12.00
CA ASP C 28 33.57 18.05 -12.57
C ASP C 28 34.60 17.06 -13.12
N ILE C 29 35.45 17.53 -14.03
CA ILE C 29 36.52 16.70 -14.59
C ILE C 29 37.84 17.13 -13.95
N ALA C 33 43.24 15.44 -15.13
CA ALA C 33 42.56 14.19 -15.54
C ALA C 33 42.60 14.04 -17.06
N VAL C 34 42.21 12.84 -17.55
CA VAL C 34 42.01 12.65 -18.98
C VAL C 34 40.60 13.11 -19.35
N LYS C 35 40.55 13.82 -20.48
CA LYS C 35 39.38 14.55 -20.95
C LYS C 35 38.30 13.53 -21.30
N PRO C 36 37.00 13.92 -21.24
CA PRO C 36 35.95 13.05 -21.75
C PRO C 36 36.23 12.71 -23.21
N PRO C 37 35.52 11.71 -23.78
CA PRO C 37 35.44 11.61 -25.23
C PRO C 37 34.77 12.93 -25.61
N PRO C 38 34.90 13.35 -26.88
CA PRO C 38 34.25 14.57 -27.35
C PRO C 38 32.76 14.57 -27.04
N ASN C 39 32.32 15.69 -26.44
CA ASN C 39 30.93 16.04 -26.24
C ASN C 39 30.27 15.11 -25.22
N LYS C 40 31.08 14.51 -24.32
CA LYS C 40 30.50 13.69 -23.28
C LYS C 40 30.70 14.34 -21.93
N TYR C 41 29.76 14.08 -21.01
CA TYR C 41 29.81 14.59 -19.64
C TYR C 41 30.26 13.47 -18.70
N PRO C 42 30.99 13.82 -17.60
CA PRO C 42 31.34 12.87 -16.53
C PRO C 42 30.07 12.73 -15.70
N ILE C 43 29.64 11.48 -15.51
CA ILE C 43 28.43 11.24 -14.73
C ILE C 43 28.82 10.48 -13.48
N PHE C 44 28.15 10.77 -12.36
CA PHE C 44 28.26 9.93 -11.17
C PHE C 44 26.86 9.40 -10.88
N PHE C 45 26.78 8.07 -10.68
CA PHE C 45 25.49 7.39 -10.53
C PHE C 45 25.26 7.23 -9.04
N PHE C 46 24.11 7.74 -8.56
CA PHE C 46 23.78 7.49 -7.15
C PHE C 46 23.47 6.03 -6.91
N GLY C 47 23.61 5.62 -5.64
CA GLY C 47 23.29 4.25 -5.29
C GLY C 47 24.50 3.34 -5.54
N THR C 48 24.88 3.18 -6.83
CA THR C 48 26.05 2.35 -7.14
C THR C 48 27.34 3.13 -6.89
N HIS C 49 27.30 4.46 -6.99
CA HIS C 49 28.45 5.35 -6.89
C HIS C 49 29.54 5.05 -7.95
N GLU C 50 29.11 4.55 -9.12
CA GLU C 50 30.03 4.38 -10.24
C GLU C 50 30.00 5.62 -11.14
N THR C 51 30.95 5.66 -12.09
CA THR C 51 31.08 6.81 -12.99
C THR C 51 31.14 6.26 -14.40
N ALA C 52 30.73 7.10 -15.35
CA ALA C 52 30.75 6.86 -16.79
C ALA C 52 30.71 8.20 -17.53
N PHE C 53 30.96 8.17 -18.85
CA PHE C 53 30.82 9.37 -19.68
C PHE C 53 29.59 9.18 -20.55
N LEU C 54 28.74 10.23 -20.62
CA LEU C 54 27.52 10.12 -21.39
C LEU C 54 27.27 11.41 -22.14
N GLY C 55 26.62 11.29 -23.30
CA GLY C 55 26.27 12.47 -24.08
C GLY C 55 24.90 13.00 -23.71
N PRO C 56 24.56 14.22 -24.18
CA PRO C 56 23.35 14.92 -23.74
C PRO C 56 22.05 14.19 -24.10
N LYS C 57 22.07 13.38 -25.16
CA LYS C 57 20.87 12.64 -25.54
C LYS C 57 20.47 11.70 -24.41
N ASP C 58 21.44 11.35 -23.55
CA ASP C 58 21.29 10.28 -22.56
C ASP C 58 20.92 10.84 -21.19
N LEU C 59 20.73 12.15 -21.14
CA LEU C 59 20.62 12.86 -19.87
C LEU C 59 19.27 13.57 -19.78
N PHE C 60 18.69 13.59 -18.57
CA PHE C 60 17.35 14.11 -18.37
C PHE C 60 17.32 14.91 -17.07
N PRO C 61 17.00 16.23 -17.08
CA PRO C 61 17.05 17.01 -15.84
C PRO C 61 16.14 16.44 -14.74
N TYR C 62 16.68 16.39 -13.51
CA TYR C 62 16.07 15.65 -12.41
C TYR C 62 14.67 16.18 -12.13
N ASP C 63 14.58 17.48 -11.78
CA ASP C 63 13.30 18.08 -11.41
C ASP C 63 12.28 17.92 -12.53
N LYS C 64 12.76 17.99 -13.77
CA LYS C 64 11.85 17.95 -14.92
C LYS C 64 11.31 16.54 -15.12
N SER C 65 12.09 15.49 -14.78
CA SER C 65 11.68 14.16 -15.22
C SER C 65 11.44 13.18 -14.06
N LYS C 66 11.56 13.62 -12.81
CA LYS C 66 11.44 12.67 -11.71
C LYS C 66 10.05 12.06 -11.63
N ASP C 67 9.01 12.82 -12.00
CA ASP C 67 7.67 12.22 -11.98
C ASP C 67 7.62 10.92 -12.79
N LYS C 68 8.39 10.84 -13.89
CA LYS C 68 8.41 9.69 -14.78
C LYS C 68 9.46 8.63 -14.38
N TYR C 69 10.68 9.05 -14.01
CA TYR C 69 11.76 8.08 -13.77
C TYR C 69 12.03 7.84 -12.29
N GLY C 70 11.58 8.73 -11.39
CA GLY C 70 11.92 8.61 -9.98
C GLY C 70 10.87 7.73 -9.33
N LYS C 71 10.93 6.43 -9.65
CA LYS C 71 10.06 5.40 -9.10
C LYS C 71 10.95 4.21 -8.78
N PRO C 72 10.63 3.39 -7.77
CA PRO C 72 11.51 2.27 -7.44
C PRO C 72 11.65 1.24 -8.56
N ASN C 73 12.81 0.60 -8.54
CA ASN C 73 12.93 -0.65 -9.26
C ASN C 73 13.94 -1.56 -8.57
N LYS C 74 14.00 -2.80 -9.04
CA LYS C 74 14.68 -3.85 -8.28
C LYS C 74 16.16 -3.86 -8.61
N ARG C 75 16.59 -3.05 -9.61
CA ARG C 75 18.01 -3.14 -9.97
C ARG C 75 18.93 -2.76 -8.81
N LYS C 76 20.08 -3.44 -8.74
CA LYS C 76 21.07 -3.24 -7.69
C LYS C 76 21.47 -1.78 -7.52
N GLY C 77 21.13 -1.26 -6.33
CA GLY C 77 21.62 0.04 -5.86
C GLY C 77 20.67 1.18 -6.25
N PHE C 78 19.58 0.85 -6.96
CA PHE C 78 18.75 1.87 -7.57
C PHE C 78 17.99 2.65 -6.49
N ASN C 79 17.41 1.91 -5.53
CA ASN C 79 16.54 2.58 -4.58
C ASN C 79 17.34 3.41 -3.58
N GLU C 80 18.52 2.92 -3.23
CA GLU C 80 19.41 3.75 -2.44
C GLU C 80 19.77 5.01 -3.24
N GLY C 81 19.98 4.85 -4.56
CA GLY C 81 20.23 6.02 -5.39
C GLY C 81 19.08 7.02 -5.39
N LEU C 82 17.81 6.54 -5.48
CA LEU C 82 16.65 7.41 -5.37
C LEU C 82 16.70 8.18 -4.05
N TRP C 83 17.12 7.50 -2.98
CA TRP C 83 17.11 8.19 -1.69
C TRP C 83 18.16 9.31 -1.73
N GLU C 84 19.34 8.99 -2.28
CA GLU C 84 20.44 9.95 -2.34
C GLU C 84 20.07 11.19 -3.16
N ILE C 85 19.48 11.03 -4.36
CA ILE C 85 19.21 12.16 -5.22
C ILE C 85 18.20 13.14 -4.58
N GLN C 86 17.26 12.60 -3.79
CA GLN C 86 16.24 13.44 -3.17
C GLN C 86 16.69 14.01 -1.82
N ASN C 87 17.52 13.29 -1.07
CA ASN C 87 17.81 13.65 0.31
C ASN C 87 19.23 14.17 0.53
N ASN C 88 20.21 13.67 -0.25
CA ASN C 88 21.60 13.98 0.02
C ASN C 88 22.38 14.10 -1.30
N PRO C 89 21.90 14.91 -2.28
CA PRO C 89 22.44 14.86 -3.64
C PRO C 89 23.87 15.37 -3.84
N HIS C 90 24.39 16.13 -2.86
CA HIS C 90 25.71 16.75 -3.04
C HIS C 90 26.72 16.28 -1.99
N ALA C 91 26.46 15.13 -1.36
CA ALA C 91 27.43 14.53 -0.44
C ALA C 91 28.57 13.85 -1.21
N SER C 92 29.69 13.64 -0.50
CA SER C 92 30.91 13.03 -1.02
C SER C 92 30.61 11.70 -1.73
N TYR C 93 30.40 10.65 -0.93
CA TYR C 93 30.37 9.28 -1.40
C TYR C 93 31.77 8.94 -1.95
S SO4 D . 17.68 -9.58 4.26
O1 SO4 D . 17.02 -10.65 3.54
O2 SO4 D . 16.71 -8.77 4.94
O3 SO4 D . 18.58 -10.15 5.23
O4 SO4 D . 18.41 -8.77 3.34
S SO4 E . 16.96 -5.96 17.77
O1 SO4 E . 15.64 -6.50 17.90
O2 SO4 E . 16.92 -4.52 17.83
O3 SO4 E . 17.80 -6.47 18.82
O4 SO4 E . 17.54 -6.35 16.50
C1 EDO F . -1.67 -1.64 0.65
O1 EDO F . -2.43 -0.76 -0.15
C2 EDO F . -2.36 -2.20 1.86
O2 EDO F . -2.72 -1.26 2.89
S SO4 G . 15.41 -2.03 -1.44
O1 SO4 G . 14.03 -1.95 -1.80
O2 SO4 G . 15.74 -3.44 -1.22
O3 SO4 G . 16.23 -1.50 -2.52
O4 SO4 G . 15.63 -1.30 -0.23
S SO4 H . -18.15 -6.12 14.24
O1 SO4 H . -19.29 -6.37 13.36
O2 SO4 H . -17.81 -7.31 14.99
O3 SO4 H . -16.99 -5.73 13.46
O4 SO4 H . -18.52 -5.05 15.12
S SO4 I . -12.86 -19.25 0.24
O1 SO4 I . -13.22 -18.10 -0.53
O2 SO4 I . -12.97 -20.43 -0.60
O3 SO4 I . -11.50 -19.12 0.70
O4 SO4 I . -13.75 -19.38 1.38
C4 UXG J . -17.72 -8.70 1.00
C5 UXG J . -18.15 -8.20 2.23
C6 UXG J . -18.87 -9.01 3.10
C7 UXG J . -19.14 -10.31 2.78
C8 UXG J . -18.71 -10.81 1.57
C10 UXG J . -17.92 -7.43 -1.20
C13 UXG J . -19.52 -6.61 -3.35
C15 UXG J . -17.42 -7.38 -2.49
N UXG J . -16.48 -6.58 0.59
C UXG J . -14.71 -5.47 1.04
O UXG J . -15.10 -4.26 1.69
C1 UXG J . -15.54 -5.77 -0.22
C11 UXG J . -19.25 -7.06 -1.01
C12 UXG J . -20.04 -6.65 -2.07
C14 UXG J . -18.21 -6.97 -3.56
C2 UXG J . -15.43 -6.69 1.64
C3 UXG J . -17.03 -7.80 -0.03
C9 UXG J . -18.01 -10.01 0.69
C1 EDO K . 24.03 1.22 -13.07
O1 EDO K . 24.38 0.12 -12.23
C2 EDO K . 24.43 2.54 -12.47
O2 EDO K . 25.77 2.47 -12.04
S SO4 L . 16.92 0.10 -24.32
O1 SO4 L . 15.73 0.87 -24.56
O2 SO4 L . 16.69 -0.83 -23.24
O3 SO4 L . 17.27 -0.64 -25.51
O4 SO4 L . 18.00 0.98 -23.97
#